data_7N7O
#
_entry.id   7N7O
#
_cell.length_a   135.901
_cell.length_b   135.901
_cell.length_c   95.014
_cell.angle_alpha   90.000
_cell.angle_beta   90.000
_cell.angle_gamma   120.000
#
_symmetry.space_group_name_H-M   'P 61 2 2'
#
loop_
_entity.id
_entity.type
_entity.pdbx_description
1 polymer 'Phosphatidylinositol 5-phosphate 4-kinase type-2 alpha'
2 non-polymer 6-ACETYL-8-CYCLOPENTYL-5-METHYL-2-[(5-PIPERAZIN-1-YLPYRIDIN-2-YL)AMINO]PYRIDO[2,3-D]PYRIMIDIN-7(8H)-ONE
3 non-polymer 'SULFATE ION'
4 water water
#
_entity_poly.entity_id   1
_entity_poly.type   'polypeptide(L)'
_entity_poly.pdbx_seq_one_letter_code
;GSHMASDPLLSVLMWGVNHSINELSHVQIPVMLMPDDFKAYSKIKVDNHLFNKENMPSHFKFKEYCPMVFRNLRERFGID
DQDFQNSLTRSAPLPNDSQARSGARFHTSYDKRYIIKTITSEDVAEMHNILKKYHQYIVECHGITLLPQFLGMYRLNVDG
VEIYVIVTRNVFSHRLSVYRKYDLKGSTVAREASDKEKAKELPTLKDNDFINEGQKIYIDDNNKKVFLEKLKKDVEFLAQ
LKLMDYSLLVGIHDVERAEQEEVECEENDGEEEGESDGTHPVGTPPDSPGNTLNSSPPLAPGEFDPNIDVYGIKCHENSP
RKEVYFMAIIDILTHYDAKKKAAHAAKTVKHGAGAEISTVNPEQYSKRFLDFIGHIL
;
_entity_poly.pdbx_strand_id   A
#
loop_
_chem_comp.id
_chem_comp.type
_chem_comp.name
_chem_comp.formula
LQQ non-polymer 6-ACETYL-8-CYCLOPENTYL-5-METHYL-2-[(5-PIPERAZIN-1-YLPYRIDIN-2-YL)AMINO]PYRIDO[2,3-D]PYRIMIDIN-7(8H)-ONE 'C24 H29 N7 O2'
SO4 non-polymer 'SULFATE ION' 'O4 S -2'
#
# COMPACT_ATOMS: atom_id res chain seq x y z
N SER A 6 22.19 7.79 -6.78
CA SER A 6 22.29 9.12 -7.44
C SER A 6 20.97 9.91 -7.38
N ASP A 7 19.93 9.31 -6.78
CA ASP A 7 18.77 10.07 -6.30
C ASP A 7 18.92 10.30 -4.78
N PRO A 8 19.30 11.55 -4.41
CA PRO A 8 19.60 11.87 -3.02
C PRO A 8 18.42 11.59 -2.07
N LEU A 9 17.21 11.95 -2.48
CA LEU A 9 16.03 11.71 -1.62
C LEU A 9 15.83 10.22 -1.35
N LEU A 10 15.93 9.40 -2.38
CA LEU A 10 15.91 7.94 -2.22
C LEU A 10 16.97 7.38 -1.27
N SER A 11 18.16 7.96 -1.25
CA SER A 11 19.23 7.37 -0.43
C SER A 11 19.11 7.77 1.04
N VAL A 12 18.50 8.93 1.28
CA VAL A 12 18.10 9.35 2.63
C VAL A 12 16.98 8.46 3.22
N LEU A 13 16.02 8.13 2.37
CA LEU A 13 14.98 7.17 2.73
C LEU A 13 15.60 5.83 3.14
N MET A 14 16.49 5.30 2.30
CA MET A 14 17.12 4.01 2.60
C MET A 14 17.96 4.12 3.87
N TRP A 15 18.69 5.24 3.97
CA TRP A 15 19.47 5.54 5.15
C TRP A 15 18.57 5.60 6.36
N GLY A 16 17.45 6.34 6.22
CA GLY A 16 16.45 6.52 7.29
C GLY A 16 15.78 5.23 7.77
N VAL A 17 15.35 4.39 6.83
CA VAL A 17 14.76 3.11 7.19
C VAL A 17 15.78 2.21 7.90
N ASN A 18 16.99 2.20 7.35
CA ASN A 18 18.06 1.48 7.99
C ASN A 18 18.25 1.96 9.45
N HIS A 19 18.42 3.27 9.63
CA HIS A 19 18.59 3.83 10.96
C HIS A 19 17.43 3.48 11.87
N SER A 20 16.21 3.68 11.37
CA SER A 20 14.98 3.41 12.09
C SER A 20 14.90 1.98 12.65
N ILE A 21 15.10 0.99 11.79
CA ILE A 21 15.01 -0.40 12.22
C ILE A 21 16.15 -0.80 13.17
N ASN A 22 17.38 -0.31 12.94
CA ASN A 22 18.47 -0.54 13.90
C ASN A 22 18.12 0.02 15.30
N GLU A 23 17.59 1.24 15.37
CA GLU A 23 17.22 1.82 16.69
C GLU A 23 16.16 0.98 17.40
N LEU A 24 15.13 0.59 16.66
CA LEU A 24 14.02 -0.17 17.22
C LEU A 24 14.46 -1.54 17.72
N SER A 25 15.43 -2.13 17.03
CA SER A 25 16.03 -3.39 17.48
C SER A 25 16.61 -3.30 18.91
N HIS A 26 16.84 -2.10 19.44
CA HIS A 26 17.26 -1.96 20.84
C HIS A 26 16.12 -1.65 21.78
N VAL A 27 14.96 -1.31 21.23
CA VAL A 27 13.80 -0.96 22.03
C VAL A 27 13.00 -2.23 22.25
N GLN A 28 12.71 -2.50 23.52
CA GLN A 28 11.82 -3.57 23.93
C GLN A 28 10.46 -3.43 23.27
N ILE A 29 9.95 -4.52 22.69
CA ILE A 29 8.61 -4.55 22.11
C ILE A 29 7.58 -4.83 23.19
N PRO A 30 6.69 -3.86 23.48
CA PRO A 30 5.62 -4.13 24.45
C PRO A 30 4.41 -4.80 23.74
N VAL A 31 3.47 -5.40 24.47
CA VAL A 31 2.27 -5.91 23.74
C VAL A 31 1.20 -4.83 23.48
N MET A 32 1.29 -3.73 24.22
CA MET A 32 0.37 -2.60 24.06
C MET A 32 1.04 -1.28 23.70
N LEU A 33 0.35 -0.48 22.91
CA LEU A 33 0.68 0.91 22.70
C LEU A 33 0.00 1.83 23.73
N MET A 34 0.74 2.85 24.16
CA MET A 34 0.21 3.88 25.05
C MET A 34 -0.27 5.07 24.21
N PRO A 35 -1.15 5.92 24.76
CA PRO A 35 -1.63 7.02 23.93
C PRO A 35 -0.51 7.89 23.40
N ASP A 36 0.61 7.97 24.13
CA ASP A 36 1.74 8.80 23.73
C ASP A 36 2.46 8.31 22.48
N ASP A 37 2.42 7.00 22.26
CA ASP A 37 3.00 6.40 21.07
C ASP A 37 2.37 6.98 19.80
N PHE A 38 1.15 7.49 19.91
CA PHE A 38 0.45 8.06 18.76
C PHE A 38 0.78 9.52 18.52
N LYS A 39 1.47 10.14 19.47
CA LYS A 39 1.91 11.52 19.34
C LYS A 39 3.43 11.61 19.13
N ALA A 40 4.09 10.46 19.08
CA ALA A 40 5.55 10.38 19.13
C ALA A 40 6.21 10.52 17.77
N TYR A 41 7.52 10.78 17.79
CA TYR A 41 8.36 10.81 16.58
C TYR A 41 9.84 10.79 16.94
N SER A 42 10.67 10.53 15.94
CA SER A 42 12.13 10.61 16.12
C SER A 42 12.71 11.43 14.97
N LYS A 43 13.65 12.30 15.31
CA LYS A 43 14.21 13.26 14.38
C LYS A 43 15.71 13.13 14.43
N ILE A 44 16.32 13.08 13.25
CA ILE A 44 17.76 13.00 13.14
C ILE A 44 18.25 13.99 12.08
N LYS A 45 19.15 14.88 12.49
CA LYS A 45 19.77 15.85 11.60
C LYS A 45 21.24 15.44 11.41
N VAL A 46 21.66 15.29 10.17
CA VAL A 46 23.04 14.89 9.86
C VAL A 46 23.73 16.00 9.11
N ASP A 47 24.88 16.43 9.64
CA ASP A 47 25.78 17.33 8.94
C ASP A 47 27.16 16.72 8.78
N ASN A 48 27.45 16.28 7.57
CA ASN A 48 28.78 15.81 7.19
C ASN A 48 29.62 16.90 6.51
N HIS A 49 30.69 17.32 7.17
CA HIS A 49 31.63 18.25 6.55
C HIS A 49 32.83 17.49 6.01
N LEU A 50 33.02 17.60 4.68
CA LEU A 50 34.16 16.99 3.96
C LEU A 50 34.32 15.51 4.24
N PHE A 51 33.19 14.83 4.37
CA PHE A 51 33.15 13.40 4.71
C PHE A 51 31.95 12.71 4.07
N ASN A 52 32.16 11.47 3.63
CA ASN A 52 31.10 10.57 3.16
C ASN A 52 30.30 11.09 1.95
N LYS A 53 30.96 11.83 1.07
CA LYS A 53 30.30 12.43 -0.09
C LYS A 53 29.81 11.40 -1.13
N GLU A 54 30.53 10.29 -1.27
CA GLU A 54 30.14 9.27 -2.25
C GLU A 54 28.76 8.64 -1.98
N ASN A 55 28.40 8.45 -0.71
CA ASN A 55 27.13 7.78 -0.33
C ASN A 55 25.97 8.73 -0.04
N MET A 56 26.20 9.69 0.85
CA MET A 56 25.15 10.52 1.42
C MET A 56 25.28 11.98 1.01
N PRO A 57 24.18 12.74 1.08
CA PRO A 57 24.31 14.21 1.00
C PRO A 57 24.99 14.71 2.26
N SER A 58 25.57 15.90 2.19
CA SER A 58 26.26 16.47 3.34
C SER A 58 25.31 16.91 4.44
N HIS A 59 24.12 17.37 4.05
CA HIS A 59 23.14 17.90 4.99
C HIS A 59 21.77 17.35 4.69
N PHE A 60 21.28 16.49 5.58
CA PHE A 60 19.92 15.99 5.44
C PHE A 60 19.25 15.79 6.81
N LYS A 61 17.94 15.92 6.82
CA LYS A 61 17.13 15.58 8.00
C LYS A 61 16.26 14.37 7.67
N PHE A 62 15.99 13.56 8.69
CA PHE A 62 15.08 12.43 8.57
C PHE A 62 14.19 12.33 9.80
N LYS A 63 12.88 12.27 9.58
CA LYS A 63 11.90 12.18 10.68
C LYS A 63 10.97 10.98 10.49
N GLU A 64 10.85 10.14 11.50
CA GLU A 64 9.88 9.04 11.49
C GLU A 64 8.71 9.37 12.43
N TYR A 65 7.48 9.13 11.97
CA TYR A 65 6.29 9.38 12.81
C TYR A 65 5.88 8.15 13.58
N CYS A 66 5.60 8.31 14.88
CA CYS A 66 5.06 7.22 15.74
C CYS A 66 5.76 5.87 15.47
N PRO A 67 7.08 5.82 15.66
CA PRO A 67 7.80 4.60 15.26
C PRO A 67 7.26 3.34 15.94
N MET A 68 6.81 3.44 17.18
CA MET A 68 6.24 2.29 17.90
C MET A 68 4.94 1.80 17.30
N VAL A 69 4.15 2.70 16.74
CA VAL A 69 2.84 2.32 16.22
C VAL A 69 3.07 1.54 14.92
N PHE A 70 3.96 2.04 14.09
CA PHE A 70 4.19 1.40 12.83
C PHE A 70 4.87 0.04 12.96
N ARG A 71 5.75 -0.11 13.97
CA ARG A 71 6.35 -1.40 14.23
C ARG A 71 5.28 -2.40 14.69
N ASN A 72 4.39 -1.94 15.55
CA ASN A 72 3.25 -2.74 15.96
C ASN A 72 2.38 -3.19 14.77
N LEU A 73 2.10 -2.28 13.85
CA LEU A 73 1.39 -2.62 12.61
C LEU A 73 2.17 -3.63 11.77
N ARG A 74 3.47 -3.40 11.56
CA ARG A 74 4.26 -4.36 10.79
C ARG A 74 4.09 -5.76 11.38
N GLU A 75 4.25 -5.84 12.69
CA GLU A 75 4.14 -7.13 13.38
C GLU A 75 2.76 -7.71 13.14
N ARG A 76 1.74 -6.87 13.24
CA ARG A 76 0.36 -7.35 13.04
C ARG A 76 0.05 -7.80 11.62
N PHE A 77 0.79 -7.26 10.65
CA PHE A 77 0.64 -7.69 9.27
C PHE A 77 1.63 -8.82 8.93
N GLY A 78 2.32 -9.36 9.94
CA GLY A 78 3.21 -10.51 9.75
C GLY A 78 4.50 -10.12 9.03
N ILE A 79 4.96 -8.90 9.27
CA ILE A 79 6.16 -8.43 8.64
C ILE A 79 7.22 -8.33 9.73
N ASP A 80 8.38 -8.88 9.46
CA ASP A 80 9.47 -8.86 10.40
C ASP A 80 10.36 -7.67 10.05
N ASP A 81 10.80 -6.96 11.07
CA ASP A 81 11.59 -5.71 10.88
C ASP A 81 12.86 -5.89 10.08
N GLN A 82 13.55 -7.00 10.33
CA GLN A 82 14.77 -7.31 9.58
C GLN A 82 14.45 -7.47 8.08
N ASP A 83 13.39 -8.21 7.77
CA ASP A 83 13.00 -8.35 6.36
C ASP A 83 12.61 -7.01 5.73
N PHE A 84 11.86 -6.21 6.49
CA PHE A 84 11.40 -4.91 6.03
C PHE A 84 12.61 -4.02 5.78
N GLN A 85 13.56 -4.04 6.72
CA GLN A 85 14.83 -3.33 6.54
C GLN A 85 15.50 -3.78 5.23
N ASN A 86 15.67 -5.09 5.04
CA ASN A 86 16.35 -5.58 3.84
C ASN A 86 15.62 -5.17 2.57
N SER A 87 14.30 -5.37 2.54
CA SER A 87 13.52 -5.05 1.34
C SER A 87 13.71 -3.59 0.94
N LEU A 88 13.92 -2.72 1.93
CA LEU A 88 14.05 -1.31 1.63
C LEU A 88 15.49 -0.83 1.43
N THR A 89 16.45 -1.59 1.96
CA THR A 89 17.84 -1.13 1.94
C THR A 89 18.84 -1.91 1.05
N ARG A 90 18.78 -3.24 1.03
CA ARG A 90 19.74 -4.07 0.27
C ARG A 90 20.08 -3.55 -1.12
N SER A 91 19.10 -2.97 -1.79
CA SER A 91 19.29 -2.37 -3.11
C SER A 91 18.19 -1.32 -3.30
N ALA A 92 18.44 -0.31 -4.12
CA ALA A 92 17.52 0.82 -4.22
C ALA A 92 16.13 0.45 -4.71
N PRO A 93 15.10 1.13 -4.16
CA PRO A 93 13.75 1.06 -4.70
C PRO A 93 13.69 1.57 -6.14
N LEU A 94 12.81 0.99 -6.95
CA LEU A 94 12.68 1.36 -8.35
C LEU A 94 11.52 2.30 -8.62
N PRO A 95 11.78 3.39 -9.39
CA PRO A 95 10.72 4.36 -9.76
C PRO A 95 9.72 3.72 -10.70
N ASN A 96 8.51 4.27 -10.80
CA ASN A 96 7.46 3.54 -11.49
C ASN A 96 6.75 4.14 -12.68
N ASP A 97 6.83 5.46 -12.85
CA ASP A 97 6.19 6.10 -14.00
C ASP A 97 7.03 7.24 -14.59
N SER A 98 6.42 8.07 -15.44
CA SER A 98 7.10 9.15 -16.17
C SER A 98 7.75 10.19 -15.27
N ARG A 105 3.24 9.66 -8.78
CA ARG A 105 4.30 8.66 -8.96
C ARG A 105 4.63 7.95 -7.65
N PHE A 106 5.28 6.79 -7.76
CA PHE A 106 5.64 6.00 -6.59
C PHE A 106 6.86 5.15 -6.85
N HIS A 107 7.31 4.43 -5.83
CA HIS A 107 8.41 3.48 -5.97
C HIS A 107 7.97 2.14 -5.45
N THR A 108 8.61 1.07 -5.92
CA THR A 108 8.43 -0.22 -5.26
C THR A 108 9.78 -0.72 -4.79
N SER A 109 9.79 -1.49 -3.70
CA SER A 109 11.05 -2.02 -3.20
C SER A 109 11.63 -2.97 -4.25
N TYR A 110 12.95 -3.13 -4.29
CA TYR A 110 13.58 -3.92 -5.35
C TYR A 110 12.99 -5.33 -5.42
N ASP A 111 12.44 -5.80 -4.30
CA ASP A 111 11.84 -7.14 -4.25
C ASP A 111 10.30 -7.14 -4.49
N LYS A 112 9.77 -5.99 -4.89
CA LYS A 112 8.35 -5.81 -5.25
C LYS A 112 7.34 -6.04 -4.08
N ARG A 113 7.86 -6.08 -2.86
CA ARG A 113 7.03 -6.31 -1.71
C ARG A 113 6.33 -5.05 -1.20
N TYR A 114 7.02 -3.91 -1.23
CA TYR A 114 6.48 -2.68 -0.65
C TYR A 114 6.35 -1.54 -1.66
N ILE A 115 5.36 -0.69 -1.42
CA ILE A 115 5.15 0.50 -2.21
C ILE A 115 5.54 1.69 -1.35
N ILE A 116 6.19 2.67 -1.98
CA ILE A 116 6.70 3.87 -1.32
C ILE A 116 6.13 5.06 -2.10
N LYS A 117 5.15 5.73 -1.52
CA LYS A 117 4.45 6.82 -2.18
C LYS A 117 4.82 8.13 -1.52
N THR A 118 5.01 9.18 -2.32
CA THR A 118 5.22 10.52 -1.80
C THR A 118 3.83 11.04 -1.50
N ILE A 119 3.68 11.67 -0.35
CA ILE A 119 2.39 12.22 0.04
C ILE A 119 2.56 13.67 0.50
N THR A 120 1.45 14.35 0.71
CA THR A 120 1.48 15.77 1.08
C THR A 120 1.46 15.93 2.59
N SER A 121 1.78 17.12 3.07
CA SER A 121 1.69 17.36 4.50
C SER A 121 0.24 17.20 4.97
N GLU A 122 -0.73 17.55 4.10
CA GLU A 122 -2.15 17.26 4.32
C GLU A 122 -2.39 15.78 4.59
N ASP A 123 -1.82 14.92 3.75
CA ASP A 123 -1.98 13.49 3.89
C ASP A 123 -1.40 12.98 5.22
N VAL A 124 -0.22 13.49 5.58
CA VAL A 124 0.40 13.17 6.85
C VAL A 124 -0.50 13.59 8.02
N ALA A 125 -1.04 14.79 7.94
CA ALA A 125 -1.95 15.31 8.97
C ALA A 125 -3.18 14.38 9.12
N GLU A 126 -3.77 13.99 8.00
CA GLU A 126 -4.90 13.08 7.98
C GLU A 126 -4.54 11.69 8.54
N MET A 127 -3.35 11.18 8.18
CA MET A 127 -2.87 9.91 8.69
C MET A 127 -2.75 9.97 10.20
N HIS A 128 -2.17 11.06 10.70
CA HIS A 128 -2.09 11.24 12.14
C HIS A 128 -3.44 11.25 12.77
N ASN A 129 -4.38 11.79 12.02
CA ASN A 129 -5.68 12.00 12.54
C ASN A 129 -6.41 10.67 12.69
N ILE A 130 -6.20 9.76 11.75
CA ILE A 130 -6.91 8.47 11.78
C ILE A 130 -6.13 7.28 12.36
N LEU A 131 -4.87 7.49 12.72
CA LEU A 131 -3.99 6.40 13.14
C LEU A 131 -4.50 5.56 14.33
N LYS A 132 -4.93 6.19 15.42
CA LYS A 132 -5.44 5.44 16.57
C LYS A 132 -6.60 4.53 16.15
N LYS A 133 -7.58 5.13 15.49
CA LYS A 133 -8.77 4.40 15.05
C LYS A 133 -8.40 3.32 14.05
N TYR A 134 -7.41 3.62 13.19
CA TYR A 134 -6.88 2.69 12.23
C TYR A 134 -6.23 1.51 12.91
N HIS A 135 -5.36 1.81 13.87
CA HIS A 135 -4.72 0.76 14.66
C HIS A 135 -5.75 -0.16 15.30
N GLN A 136 -6.71 0.41 16.03
CA GLN A 136 -7.76 -0.35 16.73
C GLN A 136 -8.55 -1.21 15.76
N TYR A 137 -8.77 -0.68 14.54
CA TYR A 137 -9.50 -1.45 13.56
C TYR A 137 -8.72 -2.71 13.16
N ILE A 138 -7.41 -2.53 12.92
CA ILE A 138 -6.51 -3.64 12.59
C ILE A 138 -6.48 -4.67 13.73
N VAL A 139 -6.54 -4.18 14.97
CA VAL A 139 -6.56 -5.06 16.14
C VAL A 139 -7.83 -5.88 16.10
N GLU A 140 -8.97 -5.20 15.97
CA GLU A 140 -10.29 -5.84 15.87
C GLU A 140 -10.38 -6.93 14.81
N CYS A 141 -9.93 -6.66 13.59
CA CYS A 141 -10.05 -7.66 12.50
C CYS A 141 -8.84 -8.61 12.42
N HIS A 142 -7.95 -8.56 13.42
CA HIS A 142 -6.77 -9.42 13.51
C HIS A 142 -5.90 -9.31 12.27
N GLY A 143 -5.79 -8.11 11.73
CA GLY A 143 -4.98 -7.89 10.53
C GLY A 143 -5.59 -8.36 9.21
N ILE A 144 -6.81 -8.89 9.26
CA ILE A 144 -7.45 -9.39 8.05
C ILE A 144 -8.36 -8.31 7.48
N THR A 145 -7.89 -7.66 6.41
CA THR A 145 -8.56 -6.48 5.87
C THR A 145 -8.09 -6.20 4.44
N LEU A 146 -8.90 -5.42 3.73
CA LEU A 146 -8.54 -5.02 2.38
C LEU A 146 -8.11 -3.56 2.35
N LEU A 147 -7.98 -2.98 3.54
CA LEU A 147 -7.43 -1.65 3.69
C LEU A 147 -5.94 -1.61 3.35
N PRO A 148 -5.42 -0.43 2.99
CA PRO A 148 -3.96 -0.31 2.88
C PRO A 148 -3.28 -0.73 4.18
N GLN A 149 -2.12 -1.37 4.05
CA GLN A 149 -1.34 -1.71 5.22
C GLN A 149 -0.25 -0.69 5.34
N PHE A 150 -0.45 0.28 6.21
CA PHE A 150 0.52 1.33 6.42
C PHE A 150 1.63 0.80 7.31
N LEU A 151 2.88 0.87 6.84
CA LEU A 151 3.99 0.23 7.54
C LEU A 151 5.04 1.18 8.11
N GLY A 152 5.06 2.39 7.57
CA GLY A 152 6.06 3.40 7.92
C GLY A 152 5.65 4.72 7.31
N MET A 153 5.99 5.81 8.00
CA MET A 153 5.69 7.15 7.53
C MET A 153 6.84 8.06 7.93
N TYR A 154 7.41 8.77 6.94
CA TYR A 154 8.63 9.56 7.13
C TYR A 154 8.60 10.96 6.51
N ARG A 155 9.45 11.82 7.02
CA ARG A 155 9.76 13.10 6.38
C ARG A 155 11.25 13.19 6.04
N LEU A 156 11.56 13.44 4.78
CA LEU A 156 12.95 13.60 4.33
C LEU A 156 13.25 15.05 4.01
N ASN A 157 14.43 15.51 4.42
CA ASN A 157 14.94 16.83 4.04
C ASN A 157 16.33 16.72 3.46
N VAL A 158 16.49 17.12 2.20
CA VAL A 158 17.81 17.15 1.56
C VAL A 158 18.06 18.58 1.09
N ASP A 159 18.88 19.30 1.84
CA ASP A 159 19.21 20.71 1.57
C ASP A 159 18.08 21.51 0.87
N GLY A 160 17.05 21.87 1.64
CA GLY A 160 15.97 22.71 1.12
C GLY A 160 14.71 22.01 0.61
N VAL A 161 14.87 20.87 -0.06
CA VAL A 161 13.72 20.07 -0.49
C VAL A 161 13.18 19.19 0.66
N GLU A 162 11.86 19.19 0.81
CA GLU A 162 11.19 18.48 1.89
C GLU A 162 10.08 17.60 1.35
N ILE A 163 10.21 16.29 1.56
CA ILE A 163 9.15 15.37 1.11
C ILE A 163 8.67 14.43 2.19
N TYR A 164 7.41 14.02 2.08
CA TYR A 164 6.82 13.07 2.99
C TYR A 164 6.56 11.76 2.27
N VAL A 165 6.97 10.65 2.87
CA VAL A 165 6.65 9.34 2.25
C VAL A 165 5.88 8.41 3.18
N ILE A 166 5.01 7.60 2.58
CA ILE A 166 4.35 6.50 3.30
C ILE A 166 4.71 5.16 2.62
N VAL A 167 4.91 4.12 3.43
CA VAL A 167 5.23 2.79 2.94
C VAL A 167 4.05 1.84 3.21
N THR A 168 3.62 1.13 2.18
CA THR A 168 2.52 0.17 2.29
C THR A 168 2.90 -1.15 1.65
N ARG A 169 2.12 -2.19 1.97
CA ARG A 169 2.27 -3.47 1.28
C ARG A 169 1.71 -3.38 -0.13
N ASN A 170 2.40 -4.01 -1.07
CA ASN A 170 1.96 -4.05 -2.46
C ASN A 170 0.68 -4.88 -2.53
N VAL A 171 -0.28 -4.44 -3.34
CA VAL A 171 -1.51 -5.21 -3.53
C VAL A 171 -1.21 -6.42 -4.41
N PHE A 172 -0.26 -6.23 -5.33
CA PHE A 172 0.10 -7.26 -6.28
C PHE A 172 1.16 -8.16 -5.69
N SER A 173 1.34 -9.31 -6.33
CA SER A 173 2.30 -10.32 -5.93
C SER A 173 3.74 -9.89 -6.22
N HIS A 174 4.66 -10.29 -5.37
CA HIS A 174 6.08 -10.03 -5.60
C HIS A 174 6.70 -10.96 -6.65
N ARG A 175 6.18 -12.18 -6.76
CA ARG A 175 6.61 -13.12 -7.78
C ARG A 175 5.79 -12.92 -9.06
N LEU A 176 4.50 -13.28 -8.98
CA LEU A 176 3.61 -13.37 -10.14
C LEU A 176 3.25 -12.03 -10.75
N SER A 177 3.53 -11.89 -12.05
CA SER A 177 3.19 -10.70 -12.81
C SER A 177 1.68 -10.49 -12.96
N VAL A 178 1.29 -9.32 -13.45
CA VAL A 178 -0.09 -8.92 -13.54
C VAL A 178 -0.21 -8.22 -14.88
N TYR A 179 -0.91 -8.87 -15.81
CA TYR A 179 -1.00 -8.33 -17.16
C TYR A 179 -2.09 -7.27 -17.27
N ARG A 180 -3.05 -7.28 -16.35
CA ARG A 180 -4.15 -6.32 -16.41
C ARG A 180 -4.44 -5.72 -15.03
N LYS A 181 -4.53 -4.40 -14.99
CA LYS A 181 -4.73 -3.65 -13.76
C LYS A 181 -5.98 -2.79 -13.89
N TYR A 182 -6.87 -2.85 -12.91
CA TYR A 182 -8.00 -1.93 -12.85
C TYR A 182 -7.97 -1.13 -11.58
N ASP A 183 -8.74 -0.05 -11.58
CA ASP A 183 -8.82 0.90 -10.48
C ASP A 183 -10.26 1.35 -10.53
N LEU A 184 -11.07 0.85 -9.60
CA LEU A 184 -12.50 1.04 -9.65
C LEU A 184 -12.99 1.85 -8.46
N LYS A 185 -13.94 2.75 -8.70
CA LYS A 185 -14.55 3.58 -7.65
C LYS A 185 -16.05 3.38 -7.63
N GLY A 186 -16.58 2.94 -8.77
CA GLY A 186 -18.01 2.80 -8.97
C GLY A 186 -18.75 4.13 -9.03
N SER A 187 -18.08 5.15 -9.56
CA SER A 187 -18.64 6.51 -9.57
C SER A 187 -19.61 6.77 -10.73
N THR A 188 -20.51 7.73 -10.52
CA THR A 188 -21.53 8.12 -11.51
C THR A 188 -20.91 8.81 -12.75
N VAL A 189 -19.91 9.68 -12.52
CA VAL A 189 -19.16 10.31 -13.62
C VAL A 189 -18.30 9.27 -14.35
N ALA A 190 -18.10 9.48 -15.65
CA ALA A 190 -17.37 8.51 -16.48
C ALA A 190 -15.89 8.47 -16.14
N ARG A 191 -15.35 7.25 -16.02
CA ARG A 191 -13.93 7.04 -15.78
C ARG A 191 -13.34 6.12 -16.85
N GLU A 192 -12.30 6.59 -17.52
CA GLU A 192 -11.66 5.81 -18.59
C GLU A 192 -10.16 6.11 -18.63
N ALA A 193 -9.39 5.16 -19.17
CA ALA A 193 -7.93 5.28 -19.23
C ALA A 193 -7.41 6.12 -20.38
N SER A 194 -6.26 6.76 -20.17
CA SER A 194 -5.58 7.53 -21.22
C SER A 194 -4.90 6.62 -22.22
N ASP A 195 -4.83 7.10 -23.46
CA ASP A 195 -4.16 6.38 -24.53
C ASP A 195 -2.64 6.54 -24.36
N LYS A 196 -2.25 7.64 -23.72
CA LYS A 196 -0.87 7.82 -23.26
C LYS A 196 -0.49 6.72 -22.27
N GLU A 197 -1.43 6.36 -21.40
CA GLU A 197 -1.26 5.26 -20.44
C GLU A 197 -1.30 3.88 -21.12
N LYS A 198 -2.31 3.66 -21.97
CA LYS A 198 -2.48 2.40 -22.72
C LYS A 198 -1.23 1.95 -23.50
N ALA A 199 -0.44 2.92 -23.91
CA ALA A 199 0.79 2.67 -24.69
C ALA A 199 2.03 2.32 -23.87
N LYS A 200 1.97 2.49 -22.55
CA LYS A 200 3.02 1.97 -21.66
C LYS A 200 2.77 0.46 -21.45
N GLU A 201 3.86 -0.31 -21.35
CA GLU A 201 3.79 -1.78 -21.24
C GLU A 201 2.66 -2.27 -20.33
N LEU A 202 2.59 -1.72 -19.11
CA LEU A 202 1.49 -2.03 -18.18
C LEU A 202 0.62 -0.80 -17.88
N PRO A 203 -0.54 -0.71 -18.55
CA PRO A 203 -1.50 0.38 -18.28
C PRO A 203 -2.30 0.18 -16.98
N THR A 204 -2.95 1.24 -16.51
CA THR A 204 -3.88 1.19 -15.37
C THR A 204 -5.28 1.58 -15.84
N LEU A 205 -6.10 0.57 -16.14
CA LEU A 205 -7.45 0.81 -16.64
C LEU A 205 -8.36 1.26 -15.49
N LYS A 206 -9.49 1.89 -15.82
CA LYS A 206 -10.39 2.43 -14.80
C LYS A 206 -11.77 1.80 -14.96
N ASP A 207 -12.79 2.39 -14.31
CA ASP A 207 -14.12 1.80 -14.24
C ASP A 207 -14.68 1.30 -15.56
N ASN A 208 -14.59 2.13 -16.60
CA ASN A 208 -15.31 1.85 -17.84
C ASN A 208 -14.53 0.98 -18.84
N ASP A 209 -13.21 1.05 -18.81
CA ASP A 209 -12.39 0.05 -19.50
C ASP A 209 -12.80 -1.37 -19.10
N PHE A 210 -13.22 -1.51 -17.85
CA PHE A 210 -13.70 -2.77 -17.26
C PHE A 210 -15.15 -3.02 -17.65
N ILE A 211 -16.01 -2.05 -17.37
CA ILE A 211 -17.44 -2.11 -17.67
C ILE A 211 -17.70 -2.21 -19.18
N ASN A 212 -16.69 -1.86 -19.99
CA ASN A 212 -16.67 -2.22 -21.41
C ASN A 212 -16.17 -3.65 -21.55
N GLU A 213 -15.05 -3.82 -22.27
CA GLU A 213 -14.58 -5.13 -22.76
C GLU A 213 -14.79 -6.36 -21.86
N GLY A 214 -16.03 -6.56 -21.44
CA GLY A 214 -16.54 -7.78 -20.80
C GLY A 214 -15.68 -8.50 -19.77
N GLN A 215 -15.09 -7.73 -18.86
CA GLN A 215 -14.19 -8.30 -17.87
C GLN A 215 -14.99 -8.98 -16.77
N LYS A 216 -14.64 -10.23 -16.48
CA LYS A 216 -15.29 -10.99 -15.43
C LYS A 216 -14.24 -11.43 -14.41
N ILE A 217 -14.65 -11.55 -13.15
CA ILE A 217 -13.79 -12.14 -12.14
C ILE A 217 -14.40 -13.47 -11.74
N TYR A 218 -13.72 -14.57 -12.09
CA TYR A 218 -14.20 -15.93 -11.78
C TYR A 218 -13.69 -16.48 -10.44
N ILE A 219 -14.31 -16.05 -9.35
CA ILE A 219 -14.04 -16.69 -8.05
C ILE A 219 -15.27 -17.48 -7.57
N ASP A 220 -15.04 -18.48 -6.72
CA ASP A 220 -16.17 -19.28 -6.23
C ASP A 220 -16.95 -18.55 -5.14
N ASP A 221 -18.14 -19.07 -4.84
CA ASP A 221 -19.14 -18.37 -4.05
C ASP A 221 -18.72 -18.16 -2.59
N ASN A 222 -17.85 -19.05 -2.08
CA ASN A 222 -17.28 -18.85 -0.75
C ASN A 222 -16.30 -17.68 -0.76
N ASN A 223 -15.33 -17.73 -1.68
CA ASN A 223 -14.36 -16.67 -1.84
C ASN A 223 -15.05 -15.29 -2.04
N LYS A 224 -16.09 -15.25 -2.87
CA LYS A 224 -16.88 -14.02 -3.05
C LYS A 224 -17.53 -13.53 -1.75
N LYS A 225 -18.07 -14.48 -0.96
CA LYS A 225 -18.75 -14.15 0.31
C LYS A 225 -17.77 -13.53 1.30
N VAL A 226 -16.64 -14.22 1.51
CA VAL A 226 -15.56 -13.74 2.36
C VAL A 226 -15.12 -12.31 1.97
N PHE A 227 -14.76 -12.15 0.70
CA PHE A 227 -14.31 -10.86 0.16
C PHE A 227 -15.25 -9.68 0.46
N LEU A 228 -16.54 -9.88 0.20
CA LEU A 228 -17.50 -8.80 0.30
C LEU A 228 -17.85 -8.49 1.75
N GLU A 229 -17.84 -9.52 2.59
CA GLU A 229 -18.01 -9.35 4.02
C GLU A 229 -16.88 -8.42 4.50
N LYS A 230 -15.65 -8.79 4.20
CA LYS A 230 -14.48 -7.94 4.45
C LYS A 230 -14.68 -6.53 3.88
N LEU A 231 -14.96 -6.45 2.58
CA LEU A 231 -15.11 -5.15 1.92
C LEU A 231 -16.12 -4.25 2.62
N LYS A 232 -17.25 -4.83 3.05
CA LYS A 232 -18.31 -4.08 3.72
C LYS A 232 -17.78 -3.45 5.00
N LYS A 233 -17.13 -4.28 5.81
CA LYS A 233 -16.58 -3.83 7.09
C LYS A 233 -15.56 -2.72 6.89
N ASP A 234 -14.63 -2.95 5.96
CA ASP A 234 -13.59 -1.99 5.62
C ASP A 234 -14.19 -0.66 5.18
N VAL A 235 -15.09 -0.75 4.19
CA VAL A 235 -15.67 0.43 3.58
C VAL A 235 -16.52 1.27 4.55
N GLU A 236 -17.32 0.59 5.37
CA GLU A 236 -18.07 1.26 6.45
C GLU A 236 -17.17 1.97 7.46
N PHE A 237 -16.01 1.39 7.76
CA PHE A 237 -15.02 2.03 8.63
C PHE A 237 -14.45 3.29 7.97
N LEU A 238 -14.18 3.21 6.66
CA LEU A 238 -13.76 4.37 5.90
C LEU A 238 -14.82 5.47 5.84
N ALA A 239 -16.07 5.04 5.68
CA ALA A 239 -17.21 5.94 5.71
C ALA A 239 -17.25 6.65 7.06
N GLN A 240 -17.27 5.85 8.13
CA GLN A 240 -17.29 6.34 9.49
C GLN A 240 -16.25 7.43 9.75
N LEU A 241 -15.11 7.35 9.07
CA LEU A 241 -14.03 8.34 9.24
C LEU A 241 -14.20 9.56 8.35
N LYS A 242 -15.30 9.59 7.59
CA LYS A 242 -15.58 10.63 6.60
C LYS A 242 -14.49 10.65 5.51
N LEU A 243 -14.13 9.45 5.04
CA LEU A 243 -13.11 9.29 4.01
C LEU A 243 -13.75 8.80 2.74
N MET A 244 -13.25 9.28 1.61
CA MET A 244 -13.80 8.89 0.32
C MET A 244 -12.77 9.02 -0.81
N ASP A 245 -13.22 8.74 -2.03
CA ASP A 245 -12.38 8.85 -3.24
C ASP A 245 -11.38 7.71 -3.32
N TYR A 246 -11.64 6.61 -2.60
CA TYR A 246 -10.76 5.45 -2.64
C TYR A 246 -11.16 4.48 -3.75
N SER A 247 -10.20 3.68 -4.18
CA SER A 247 -10.42 2.74 -5.26
C SER A 247 -10.27 1.31 -4.79
N LEU A 248 -10.84 0.37 -5.55
CA LEU A 248 -10.46 -1.03 -5.46
C LEU A 248 -9.42 -1.28 -6.55
N LEU A 249 -8.23 -1.69 -6.15
CA LEU A 249 -7.20 -2.01 -7.12
C LEU A 249 -7.33 -3.47 -7.49
N VAL A 250 -7.64 -3.74 -8.76
CA VAL A 250 -7.80 -5.12 -9.25
C VAL A 250 -6.71 -5.53 -10.24
N GLY A 251 -5.92 -6.53 -9.88
CA GLY A 251 -4.88 -7.05 -10.76
C GLY A 251 -5.13 -8.52 -11.09
N ILE A 252 -4.95 -8.86 -12.37
CA ILE A 252 -5.21 -10.21 -12.89
C ILE A 252 -3.91 -10.81 -13.39
N HIS A 253 -3.57 -12.00 -12.88
CA HIS A 253 -2.38 -12.71 -13.31
C HIS A 253 -2.77 -13.87 -14.21
N ASP A 254 -2.29 -13.89 -15.45
CA ASP A 254 -2.61 -14.97 -16.38
C ASP A 254 -1.56 -16.06 -16.27
N VAL A 255 -1.94 -17.17 -15.64
CA VAL A 255 -1.02 -18.28 -15.36
C VAL A 255 -0.42 -18.86 -16.64
N GLU A 256 -1.23 -18.94 -17.69
CA GLU A 256 -0.81 -19.48 -18.99
C GLU A 256 0.43 -18.77 -19.59
N ARG A 257 0.47 -17.44 -19.54
CA ARG A 257 1.58 -16.66 -20.13
C ARG A 257 2.87 -16.80 -19.33
N ALA A 258 2.91 -16.22 -18.14
CA ALA A 258 4.09 -16.30 -17.27
C ALA A 258 4.13 -17.61 -16.49
N LEU A 299 9.08 -22.76 -5.12
CA LEU A 299 8.37 -22.38 -6.32
C LEU A 299 7.08 -23.18 -6.48
N ALA A 300 6.18 -22.68 -7.34
CA ALA A 300 4.98 -23.37 -7.75
C ALA A 300 4.62 -22.92 -9.17
N PRO A 301 4.21 -23.86 -10.05
CA PRO A 301 3.95 -23.54 -11.46
C PRO A 301 2.70 -22.68 -11.74
N GLY A 302 2.11 -22.09 -10.69
CA GLY A 302 0.94 -21.21 -10.83
C GLY A 302 0.38 -20.73 -9.50
N GLU A 303 0.68 -21.47 -8.43
CA GLU A 303 0.21 -21.14 -7.08
C GLU A 303 1.09 -20.07 -6.40
N PHE A 304 0.50 -19.35 -5.45
CA PHE A 304 1.19 -18.26 -4.76
C PHE A 304 1.28 -18.50 -3.25
N ASP A 305 2.24 -17.85 -2.59
CA ASP A 305 2.35 -17.87 -1.13
C ASP A 305 1.26 -16.97 -0.51
N PRO A 306 0.25 -17.58 0.14
CA PRO A 306 -0.84 -16.75 0.65
C PRO A 306 -0.42 -15.91 1.86
N ASN A 307 0.76 -16.20 2.41
CA ASN A 307 1.31 -15.46 3.55
C ASN A 307 2.18 -14.26 3.16
N ILE A 308 2.54 -14.18 1.88
CA ILE A 308 3.25 -13.01 1.35
C ILE A 308 2.33 -12.17 0.46
N ASP A 309 1.65 -12.85 -0.48
CA ASP A 309 0.71 -12.20 -1.39
C ASP A 309 -0.70 -12.30 -0.83
N VAL A 310 -0.93 -11.53 0.23
CA VAL A 310 -2.12 -11.66 1.06
C VAL A 310 -3.44 -11.44 0.32
N TYR A 311 -3.40 -10.70 -0.78
CA TYR A 311 -4.62 -10.28 -1.47
C TYR A 311 -4.98 -11.19 -2.65
N GLY A 312 -4.21 -12.26 -2.82
CA GLY A 312 -4.49 -13.24 -3.86
C GLY A 312 -5.75 -14.05 -3.61
N ILE A 313 -6.49 -14.30 -4.69
CA ILE A 313 -7.54 -15.30 -4.72
C ILE A 313 -7.42 -16.08 -6.02
N LYS A 314 -7.37 -17.42 -5.92
CA LYS A 314 -7.42 -18.31 -7.08
C LYS A 314 -8.80 -18.20 -7.71
N CYS A 315 -8.85 -18.36 -9.04
CA CYS A 315 -10.13 -18.52 -9.76
C CYS A 315 -10.77 -19.89 -9.47
N HIS A 316 -12.08 -20.00 -9.73
CA HIS A 316 -12.75 -21.30 -9.56
C HIS A 316 -12.42 -22.26 -10.70
N GLU A 317 -12.75 -23.55 -10.52
CA GLU A 317 -12.36 -24.62 -11.48
C GLU A 317 -12.92 -24.48 -12.90
N ASN A 318 -14.03 -23.78 -13.07
CA ASN A 318 -14.65 -23.67 -14.40
C ASN A 318 -14.30 -22.34 -15.09
N SER A 319 -13.21 -21.74 -14.64
CA SER A 319 -12.78 -20.45 -15.16
C SER A 319 -12.17 -20.60 -16.55
N PRO A 320 -12.69 -19.83 -17.52
CA PRO A 320 -12.22 -19.92 -18.90
C PRO A 320 -10.71 -19.99 -18.99
N ARG A 321 -10.00 -19.13 -18.26
CA ARG A 321 -8.54 -19.20 -18.21
C ARG A 321 -8.03 -19.35 -16.78
N LYS A 322 -6.80 -19.87 -16.64
CA LYS A 322 -6.17 -20.02 -15.33
C LYS A 322 -5.73 -18.64 -14.83
N GLU A 323 -6.43 -18.14 -13.82
CA GLU A 323 -6.23 -16.78 -13.33
C GLU A 323 -6.10 -16.69 -11.82
N VAL A 324 -5.21 -15.82 -11.36
CA VAL A 324 -5.20 -15.39 -9.95
C VAL A 324 -5.52 -13.90 -9.89
N TYR A 325 -6.35 -13.52 -8.93
CA TYR A 325 -6.78 -12.14 -8.76
C TYR A 325 -6.16 -11.49 -7.53
N PHE A 326 -5.91 -10.18 -7.63
CA PHE A 326 -5.30 -9.44 -6.53
C PHE A 326 -6.07 -8.16 -6.32
N MET A 327 -6.75 -8.09 -5.20
CA MET A 327 -7.71 -7.01 -4.96
C MET A 327 -7.64 -6.48 -3.54
N ALA A 328 -7.57 -5.15 -3.41
CA ALA A 328 -7.53 -4.47 -2.13
C ALA A 328 -7.91 -3.01 -2.32
N ILE A 329 -8.16 -2.29 -1.22
CA ILE A 329 -8.46 -0.85 -1.30
C ILE A 329 -7.16 -0.05 -1.31
N ILE A 330 -7.15 1.02 -2.09
CA ILE A 330 -6.02 1.94 -2.14
C ILE A 330 -6.52 3.36 -2.06
N ASP A 331 -5.61 4.25 -1.65
CA ASP A 331 -5.76 5.69 -1.80
C ASP A 331 -6.95 6.19 -1.00
N ILE A 332 -6.80 6.19 0.32
CA ILE A 332 -7.91 6.46 1.21
C ILE A 332 -7.89 7.81 1.90
N LEU A 333 -6.79 8.56 1.75
CA LEU A 333 -6.53 9.76 2.57
C LEU A 333 -7.10 11.08 2.07
N THR A 334 -8.05 11.02 1.15
CA THR A 334 -8.75 12.24 0.78
C THR A 334 -10.00 12.40 1.65
N HIS A 335 -10.06 13.53 2.34
CA HIS A 335 -11.13 13.87 3.26
C HIS A 335 -11.99 15.00 2.69
N VAL A 360 -22.39 12.36 -3.59
CA VAL A 360 -21.25 13.26 -3.45
C VAL A 360 -20.61 13.20 -2.04
N ASN A 361 -21.25 12.50 -1.11
CA ASN A 361 -20.81 12.44 0.30
C ASN A 361 -20.27 11.06 0.75
N PRO A 362 -19.46 11.02 1.83
CA PRO A 362 -18.79 9.81 2.32
C PRO A 362 -19.72 8.62 2.53
N GLU A 363 -20.83 8.85 3.22
CA GLU A 363 -21.82 7.81 3.47
C GLU A 363 -22.44 7.25 2.17
N GLN A 364 -22.66 8.12 1.18
CA GLN A 364 -23.17 7.69 -0.13
C GLN A 364 -22.10 6.90 -0.88
N TYR A 365 -20.93 7.52 -1.08
CA TYR A 365 -19.77 6.90 -1.71
C TYR A 365 -19.58 5.43 -1.29
N SER A 366 -19.64 5.18 0.01
CA SER A 366 -19.42 3.84 0.52
C SER A 366 -20.35 2.79 -0.13
N LYS A 367 -21.66 2.92 0.09
CA LYS A 367 -22.65 1.98 -0.47
C LYS A 367 -22.63 1.93 -2.01
N ARG A 368 -22.35 3.08 -2.63
CA ARG A 368 -22.19 3.18 -4.08
C ARG A 368 -20.98 2.37 -4.59
N PHE A 369 -19.86 2.50 -3.89
CA PHE A 369 -18.66 1.69 -4.13
C PHE A 369 -19.00 0.20 -3.97
N LEU A 370 -19.70 -0.14 -2.90
CA LEU A 370 -20.09 -1.53 -2.62
C LEU A 370 -21.04 -2.13 -3.65
N ASP A 371 -21.97 -1.31 -4.14
CA ASP A 371 -22.89 -1.72 -5.21
C ASP A 371 -22.11 -2.20 -6.42
N PHE A 372 -21.15 -1.38 -6.85
CA PHE A 372 -20.34 -1.69 -8.01
C PHE A 372 -19.59 -3.02 -7.90
N ILE A 373 -18.82 -3.17 -6.82
CA ILE A 373 -17.93 -4.34 -6.65
C ILE A 373 -18.74 -5.62 -6.57
N GLY A 374 -19.93 -5.53 -5.99
CA GLY A 374 -20.88 -6.65 -5.96
C GLY A 374 -21.30 -7.09 -7.36
N HIS A 375 -21.62 -6.11 -8.21
CA HIS A 375 -22.14 -6.36 -9.56
C HIS A 375 -21.08 -6.85 -10.58
N ILE A 376 -19.82 -6.97 -10.16
CA ILE A 376 -18.73 -7.31 -11.08
C ILE A 376 -18.02 -8.59 -10.67
N LEU A 377 -18.55 -9.21 -9.62
CA LEU A 377 -17.92 -10.34 -9.00
C LEU A 377 -18.93 -11.45 -8.84
O01 LQQ B . -3.23 3.27 -0.85
C02 LQQ B . -2.03 3.25 -1.14
C01 LQQ B . -1.02 4.10 -0.34
C03 LQQ B . -1.49 2.48 -2.20
C04 LQQ B . -1.25 1.09 -2.06
C05 LQQ B . -1.56 0.39 -0.87
C06 LQQ B . -0.71 0.39 -3.15
C07 LQQ B . -0.47 -0.98 -3.07
N01 LQQ B . 0.07 -1.64 -4.19
C08 LQQ B . 0.34 -0.98 -5.32
N02 LQQ B . 0.10 0.34 -5.38
C09 LQQ B . -0.42 1.04 -4.35
N03 LQQ B . -0.65 2.38 -4.48
C10 LQQ B . -0.26 2.96 -5.84
C11 LQQ B . 0.76 4.12 -5.73
C12 LQQ B . 0.12 5.30 -6.45
C13 LQQ B . -1.38 4.99 -6.50
C14 LQQ B . -1.44 3.47 -6.66
C15 LQQ B . -1.17 3.10 -3.44
O02 LQQ B . -1.38 4.32 -3.55
N04 LQQ B . 0.87 -1.70 -6.32
C16 LQQ B . 0.94 -1.32 -7.61
N05 LQQ B . 1.90 -1.91 -8.38
C17 LQQ B . 2.07 -1.60 -9.75
C18 LQQ B . 1.22 -0.67 -10.36
C19 LQQ B . 0.22 -0.06 -9.57
C20 LQQ B . 0.08 -0.38 -8.21
N06 LQQ B . 1.36 -0.35 -11.67
C21 LQQ B . 2.48 -0.99 -12.47
C22 LQQ B . 2.86 -0.22 -13.73
N07 LQQ B . 2.47 1.21 -13.64
C23 LQQ B . 1.02 1.37 -13.53
C24 LQQ B . 0.42 0.63 -12.32
S SO4 C . -9.93 9.82 -10.93
O1 SO4 C . -9.69 9.48 -12.34
O2 SO4 C . -9.74 11.27 -10.74
O3 SO4 C . -11.32 9.45 -10.55
O4 SO4 C . -8.96 9.09 -10.09
S SO4 D . 10.42 20.30 12.76
O1 SO4 D . 11.39 19.81 11.75
O2 SO4 D . 9.40 21.13 12.08
O3 SO4 D . 9.71 19.19 13.46
O4 SO4 D . 11.20 21.12 13.72
#